data_3ATQ
#
_entry.id   3ATQ
#
_cell.length_a   62.913
_cell.length_b   80.935
_cell.length_c   105.813
_cell.angle_alpha   90.00
_cell.angle_beta   90.00
_cell.angle_gamma   90.00
#
_symmetry.space_group_name_H-M   'P 21 21 21'
#
loop_
_entity.id
_entity.type
_entity.pdbx_description
1 polymer 'Conserved Archaeal protein'
2 non-polymer 'DIHYDROFLAVINE-ADENINE DINUCLEOTIDE'
3 non-polymer TETRADECANE
4 water water
#
_entity_poly.entity_id   1
_entity_poly.type   'polypeptide(L)'
_entity_poly.pdbx_seq_one_letter_code
;HMKELKYDVLIIGGGFAGSSAAYQLSRRGLKILLVDSKPWNRIGDKPCGDAVSKAHFDKLGMPYPKGEELENKINGIKLY
SPDMQTVWTVNGEGFELNAPLYNQRVLKEAQDRGVEIWDLTTAMKPIFEDGYVKGAVLFNRRTNEELTVYSKVVVEATGY
SRSFRSKLPPELPITEDLDDKDADVAYREVLLTKEDIEDHDYLRIFIDQETSPGGYWWYFPKGKNKVNVGLGIQGGMGYP
SIHEYYKKYLDKYAPDVDKSKLLVKGGALVPTRRPLYTMAWNGIIVIGDSGFTVNPVHGGGKGSAMISGYCAAKAILSAF
ETGDFSASGLWDMNICYVNEYGAKQASLDIFRRFLQKLSNDDINYGMKKKIIKEEDLLEASEKGDLHLSVADKAMRVISG
LGRPSLLFKLKAVAESMKKIKELYLNYPRSPSSLGSWRREVDNVLTEFNKSLS
;
_entity_poly.pdbx_strand_id   A
#
# COMPACT_ATOMS: atom_id res chain seq x y z
N MET A 2 25.42 -13.35 -23.99
CA MET A 2 25.56 -12.05 -23.28
C MET A 2 26.39 -12.22 -22.00
N LYS A 3 26.88 -11.11 -21.45
CA LYS A 3 27.61 -11.10 -20.19
C LYS A 3 26.74 -11.70 -19.07
N GLU A 4 27.36 -12.48 -18.21
CA GLU A 4 26.70 -13.06 -17.05
C GLU A 4 27.36 -12.58 -15.76
N LEU A 5 26.55 -12.21 -14.78
CA LEU A 5 27.08 -11.80 -13.49
C LEU A 5 26.34 -12.57 -12.42
N LYS A 6 26.95 -12.72 -11.26
CA LYS A 6 26.35 -13.44 -10.16
C LYS A 6 26.27 -12.55 -8.89
N TYR A 7 25.06 -12.42 -8.36
CA TYR A 7 24.82 -11.68 -7.13
C TYR A 7 24.12 -12.61 -6.14
N ASP A 8 24.21 -12.29 -4.86
CA ASP A 8 23.40 -13.02 -3.88
C ASP A 8 21.91 -12.70 -4.02
N VAL A 9 21.61 -11.42 -4.17
CA VAL A 9 20.22 -10.93 -4.21
C VAL A 9 20.11 -9.89 -5.30
N LEU A 10 19.05 -10.01 -6.10
CA LEU A 10 18.68 -9.01 -7.08
C LEU A 10 17.34 -8.40 -6.67
N ILE A 11 17.35 -7.10 -6.43
CA ILE A 11 16.13 -6.33 -6.09
C ILE A 11 15.70 -5.57 -7.34
N ILE A 12 14.48 -5.84 -7.78
CA ILE A 12 13.94 -5.19 -9.00
C ILE A 12 12.95 -4.13 -8.58
N GLY A 13 13.37 -2.88 -8.72
CA GLY A 13 12.55 -1.72 -8.37
C GLY A 13 13.11 -1.07 -7.11
N GLY A 14 13.25 0.25 -7.15
CA GLY A 14 13.83 0.99 -6.05
C GLY A 14 12.92 2.04 -5.43
N GLY A 15 11.61 1.75 -5.37
CA GLY A 15 10.65 2.63 -4.67
C GLY A 15 10.76 2.41 -3.16
N PHE A 16 9.76 2.84 -2.39
CA PHE A 16 9.80 2.63 -0.94
C PHE A 16 10.05 1.15 -0.59
N ALA A 17 9.42 0.24 -1.35
CA ALA A 17 9.62 -1.19 -1.06
C ALA A 17 11.04 -1.67 -1.35
N GLY A 18 11.48 -1.53 -2.59
CA GLY A 18 12.83 -2.02 -2.96
C GLY A 18 13.94 -1.33 -2.19
N SER A 19 13.83 0.00 -1.99
CA SER A 19 14.86 0.72 -1.28
C SER A 19 14.95 0.27 0.19
N SER A 20 13.79 -0.05 0.79
CA SER A 20 13.76 -0.58 2.14
C SER A 20 14.42 -1.92 2.24
N ALA A 21 14.14 -2.82 1.29
CA ALA A 21 14.81 -4.12 1.27
C ALA A 21 16.34 -3.94 1.13
N ALA A 22 16.78 -3.06 0.23
CA ALA A 22 18.22 -2.81 0.02
C ALA A 22 18.90 -2.24 1.28
N TYR A 23 18.25 -1.27 1.90
CA TYR A 23 18.76 -0.66 3.14
C TYR A 23 18.85 -1.70 4.29
N GLN A 24 17.78 -2.46 4.46
CA GLN A 24 17.74 -3.48 5.51
C GLN A 24 18.67 -4.68 5.32
N LEU A 25 18.95 -5.01 4.06
CA LEU A 25 19.84 -6.12 3.73
C LEU A 25 21.32 -5.74 3.76
N SER A 26 21.62 -4.44 3.75
CA SER A 26 22.99 -3.96 3.52
C SER A 26 23.93 -4.24 4.70
N ARG A 27 25.20 -4.43 4.41
CA ARG A 27 26.26 -4.69 5.43
C ARG A 27 26.03 -5.96 6.27
N ARG A 28 25.52 -7.00 5.62
CA ARG A 28 25.18 -8.21 6.34
C ARG A 28 25.80 -9.40 5.65
N GLY A 29 26.84 -9.13 4.87
CA GLY A 29 27.62 -10.18 4.24
C GLY A 29 27.14 -10.66 2.89
N LEU A 30 26.17 -9.96 2.29
CA LEU A 30 25.60 -10.36 1.00
C LEU A 30 25.93 -9.39 -0.12
N LYS A 31 26.08 -9.91 -1.33
CA LYS A 31 26.35 -9.12 -2.54
C LYS A 31 25.02 -8.78 -3.22
N ILE A 32 24.60 -7.52 -3.11
CA ILE A 32 23.22 -7.14 -3.51
C ILE A 32 23.27 -6.16 -4.69
N LEU A 33 22.41 -6.40 -5.68
CA LEU A 33 22.20 -5.47 -6.78
C LEU A 33 20.75 -5.02 -6.76
N LEU A 34 20.53 -3.71 -6.88
CA LEU A 34 19.17 -3.22 -7.08
C LEU A 34 19.14 -2.50 -8.43
N VAL A 35 18.10 -2.78 -9.20
CA VAL A 35 17.86 -2.09 -10.47
C VAL A 35 16.55 -1.31 -10.45
N ASP A 36 16.51 -0.22 -11.22
CA ASP A 36 15.29 0.51 -11.49
C ASP A 36 15.34 1.09 -12.89
N SER A 37 14.20 1.01 -13.58
CA SER A 37 14.06 1.53 -14.93
C SER A 37 14.26 3.05 -15.03
N LYS A 38 13.98 3.78 -13.94
CA LYS A 38 14.02 5.24 -13.94
C LYS A 38 15.46 5.74 -13.77
N PRO A 39 15.75 6.97 -14.27
CA PRO A 39 17.05 7.54 -13.90
C PRO A 39 17.04 7.90 -12.41
N TRP A 40 18.21 7.90 -11.78
CA TRP A 40 18.41 8.26 -10.36
C TRP A 40 17.53 9.41 -9.87
N ASN A 41 17.60 10.56 -10.53
CA ASN A 41 16.89 11.74 -10.07
C ASN A 41 15.35 11.60 -10.10
N ARG A 42 14.83 10.55 -10.73
CA ARG A 42 13.39 10.34 -10.83
C ARG A 42 12.91 9.19 -9.96
N ILE A 43 13.82 8.38 -9.43
CA ILE A 43 13.35 7.26 -8.60
C ILE A 43 12.51 7.76 -7.40
N GLY A 44 11.35 7.13 -7.22
CA GLY A 44 10.43 7.52 -6.17
C GLY A 44 9.33 8.48 -6.58
N ASP A 45 9.25 8.82 -7.87
CA ASP A 45 8.30 9.84 -8.31
C ASP A 45 6.95 9.35 -8.88
N LYS A 46 6.59 8.08 -8.62
CA LYS A 46 5.25 7.62 -8.95
C LYS A 46 4.23 8.55 -8.27
N PRO A 47 3.14 8.90 -8.97
CA PRO A 47 2.13 9.73 -8.29
C PRO A 47 1.69 9.14 -6.97
N CYS A 48 1.55 10.02 -5.98
CA CYS A 48 1.27 9.64 -4.61
C CYS A 48 0.78 10.88 -3.87
N GLY A 49 0.02 10.68 -2.79
CA GLY A 49 -0.38 11.79 -1.92
C GLY A 49 0.78 12.23 -1.05
N ASP A 50 1.75 11.34 -0.88
CA ASP A 50 3.02 11.59 -0.20
C ASP A 50 2.91 11.67 1.33
N ALA A 51 1.80 11.16 1.89
CA ALA A 51 1.56 11.24 3.34
C ALA A 51 1.90 9.92 4.02
N VAL A 52 2.79 9.97 5.02
CA VAL A 52 3.20 8.74 5.72
C VAL A 52 3.20 8.98 7.23
N SER A 53 2.57 8.05 7.95
CA SER A 53 2.48 8.09 9.41
C SER A 53 3.87 8.03 10.03
N LYS A 54 4.05 8.74 11.15
CA LYS A 54 5.28 8.63 11.94
C LYS A 54 5.36 7.23 12.54
N ALA A 55 4.18 6.65 12.84
CA ALA A 55 4.12 5.30 13.42
C ALA A 55 4.77 4.22 12.56
N HIS A 56 4.66 4.33 11.23
CA HIS A 56 5.30 3.35 10.32
C HIS A 56 6.82 3.44 10.40
N PHE A 57 7.34 4.65 10.53
CA PHE A 57 8.78 4.84 10.68
C PHE A 57 9.20 4.27 12.04
N ASP A 58 8.39 4.52 13.08
CA ASP A 58 8.73 4.08 14.43
C ASP A 58 8.68 2.57 14.57
N LYS A 59 7.81 1.94 13.79
CA LYS A 59 7.59 0.49 13.80
C LYS A 59 8.89 -0.23 13.45
N LEU A 60 9.66 0.38 12.53
CA LEU A 60 10.85 -0.22 11.93
C LEU A 60 12.13 0.46 12.38
N GLY A 61 11.96 1.48 13.21
CA GLY A 61 13.06 2.39 13.59
C GLY A 61 13.76 2.95 12.34
N MET A 62 12.99 3.21 11.28
CA MET A 62 13.53 3.83 10.05
C MET A 62 13.82 5.30 10.34
N PRO A 63 14.85 5.89 9.68
CA PRO A 63 15.12 7.31 9.96
C PRO A 63 13.99 8.22 9.46
N TYR A 64 13.66 9.26 10.24
CA TYR A 64 12.66 10.24 9.82
C TYR A 64 13.17 11.05 8.62
N PRO A 65 12.25 11.50 7.74
CA PRO A 65 12.62 12.47 6.72
C PRO A 65 13.06 13.78 7.38
N LYS A 66 14.05 14.44 6.79
CA LYS A 66 14.53 15.71 7.34
C LYS A 66 14.93 16.66 6.22
N GLY A 67 15.22 17.92 6.56
CA GLY A 67 15.54 18.94 5.57
C GLY A 67 14.53 18.97 4.41
N GLU A 68 15.04 18.99 3.18
CA GLU A 68 14.22 19.08 1.98
C GLU A 68 13.34 17.86 1.75
N GLU A 69 13.61 16.77 2.47
CA GLU A 69 12.81 15.54 2.34
C GLU A 69 11.47 15.72 3.03
N LEU A 70 11.40 16.64 4.00
CA LEU A 70 10.17 16.81 4.76
C LEU A 70 9.49 18.11 4.35
N GLU A 71 8.44 17.99 3.55
CA GLU A 71 7.81 19.20 3.05
C GLU A 71 6.91 19.84 4.10
N ASN A 72 6.22 19.03 4.90
CA ASN A 72 5.30 19.58 5.90
C ASN A 72 5.02 18.58 7.01
N LYS A 73 5.10 19.03 8.26
CA LYS A 73 4.79 18.13 9.38
C LYS A 73 3.27 18.03 9.54
N ILE A 74 2.79 16.81 9.76
CA ILE A 74 1.34 16.54 9.91
C ILE A 74 1.04 16.15 11.35
N ASN A 75 -0.03 16.75 11.90
CA ASN A 75 -0.46 16.53 13.28
C ASN A 75 -1.81 15.80 13.38
N GLY A 76 -2.46 15.60 12.24
CA GLY A 76 -3.69 14.81 12.18
C GLY A 76 -4.47 14.94 10.88
N ILE A 77 -5.72 14.47 10.92
CA ILE A 77 -6.57 14.40 9.74
C ILE A 77 -7.96 14.89 10.11
N LYS A 78 -8.54 15.65 9.20
CA LYS A 78 -9.94 16.07 9.31
C LYS A 78 -10.75 15.27 8.31
N LEU A 79 -11.65 14.44 8.84
CA LEU A 79 -12.55 13.62 8.04
C LEU A 79 -13.92 14.28 7.88
N TYR A 80 -14.32 14.49 6.63
CA TYR A 80 -15.58 15.18 6.31
C TYR A 80 -16.64 14.21 5.82
N SER A 81 -17.84 14.31 6.40
CA SER A 81 -19.03 13.62 5.91
C SER A 81 -19.40 14.09 4.49
N PRO A 82 -20.13 13.26 3.73
CA PRO A 82 -20.57 13.65 2.39
C PRO A 82 -21.30 14.99 2.34
N ASP A 83 -22.17 15.25 3.33
CA ASP A 83 -22.94 16.50 3.36
C ASP A 83 -22.14 17.66 3.94
N MET A 84 -20.88 17.40 4.29
CA MET A 84 -19.97 18.41 4.84
C MET A 84 -20.41 18.97 6.20
N GLN A 85 -21.41 18.34 6.83
CA GLN A 85 -21.98 18.86 8.09
C GLN A 85 -21.26 18.35 9.33
N THR A 86 -20.56 17.22 9.19
CA THR A 86 -19.85 16.63 10.31
C THR A 86 -18.36 16.47 9.97
N VAL A 87 -17.50 17.01 10.81
CA VAL A 87 -16.05 16.90 10.62
C VAL A 87 -15.40 16.25 11.85
N TRP A 88 -14.76 15.10 11.64
CA TRP A 88 -14.01 14.44 12.71
C TRP A 88 -12.55 14.85 12.64
N THR A 89 -12.00 15.21 13.80
CA THR A 89 -10.58 15.47 13.88
C THR A 89 -9.96 14.28 14.57
N VAL A 90 -9.05 13.61 13.86
CA VAL A 90 -8.28 12.49 14.38
C VAL A 90 -6.83 12.96 14.50
N ASN A 91 -6.33 13.05 15.73
CA ASN A 91 -4.95 13.47 15.98
C ASN A 91 -3.97 12.32 15.78
N GLY A 92 -2.77 12.64 15.30
CA GLY A 92 -1.76 11.61 14.99
C GLY A 92 -0.67 12.16 14.08
N GLU A 93 0.59 11.87 14.43
CA GLU A 93 1.74 12.46 13.76
C GLU A 93 2.11 11.78 12.45
N GLY A 94 2.54 12.59 11.49
CA GLY A 94 3.01 12.10 10.20
C GLY A 94 3.83 13.12 9.42
N PHE A 95 4.19 12.72 8.20
CA PHE A 95 5.06 13.51 7.36
C PHE A 95 4.46 13.65 5.97
N GLU A 96 4.47 14.86 5.43
CA GLU A 96 4.21 15.10 4.02
C GLU A 96 5.57 15.22 3.34
N LEU A 97 5.89 14.21 2.54
CA LEU A 97 7.23 14.03 2.00
C LEU A 97 7.46 14.64 0.64
N ASN A 98 8.73 14.97 0.38
CA ASN A 98 9.25 14.98 -0.97
C ASN A 98 9.67 13.53 -1.20
N ALA A 99 8.76 12.74 -1.76
CA ALA A 99 9.02 11.29 -1.85
C ALA A 99 10.29 10.91 -2.66
N PRO A 100 10.50 11.51 -3.86
CA PRO A 100 11.76 11.21 -4.56
C PRO A 100 13.01 11.54 -3.75
N LEU A 101 13.04 12.69 -3.09
CA LEU A 101 14.23 13.04 -2.30
C LEU A 101 14.48 12.06 -1.14
N TYR A 102 13.42 11.72 -0.41
CA TYR A 102 13.54 10.79 0.69
C TYR A 102 13.94 9.38 0.20
N ASN A 103 13.25 8.92 -0.84
CA ASN A 103 13.52 7.61 -1.47
C ASN A 103 14.96 7.54 -1.94
N GLN A 104 15.42 8.61 -2.59
CA GLN A 104 16.79 8.67 -3.10
C GLN A 104 17.84 8.66 -1.99
N ARG A 105 17.53 9.29 -0.86
CA ARG A 105 18.41 9.25 0.32
C ARG A 105 18.55 7.82 0.85
N VAL A 106 17.44 7.09 0.90
CA VAL A 106 17.50 5.73 1.40
C VAL A 106 18.41 4.91 0.49
N LEU A 107 18.22 5.04 -0.82
CA LEU A 107 19.05 4.32 -1.79
C LEU A 107 20.53 4.67 -1.69
N LYS A 108 20.81 5.96 -1.53
CA LYS A 108 22.18 6.42 -1.43
C LYS A 108 22.84 5.84 -0.18
N GLU A 109 22.09 5.78 0.92
CA GLU A 109 22.65 5.18 2.14
C GLU A 109 22.88 3.68 1.98
N ALA A 110 21.94 2.98 1.35
CA ALA A 110 22.15 1.58 1.02
C ALA A 110 23.40 1.40 0.14
N GLN A 111 23.55 2.27 -0.84
CA GLN A 111 24.71 2.27 -1.71
C GLN A 111 26.02 2.50 -0.97
N ASP A 112 25.99 3.46 -0.02
CA ASP A 112 27.16 3.77 0.82
C ASP A 112 27.52 2.55 1.66
N ARG A 113 26.52 1.74 1.99
CA ARG A 113 26.72 0.54 2.78
C ARG A 113 26.99 -0.70 1.92
N GLY A 114 27.32 -0.50 0.65
CA GLY A 114 27.77 -1.60 -0.20
C GLY A 114 26.79 -2.15 -1.24
N VAL A 115 25.53 -1.70 -1.22
CA VAL A 115 24.57 -2.14 -2.25
C VAL A 115 24.91 -1.54 -3.62
N GLU A 116 24.94 -2.39 -4.65
CA GLU A 116 25.18 -1.89 -5.99
C GLU A 116 23.85 -1.46 -6.62
N ILE A 117 23.83 -0.26 -7.19
CA ILE A 117 22.58 0.23 -7.79
C ILE A 117 22.74 0.65 -9.26
N TRP A 118 21.92 0.08 -10.14
CA TRP A 118 21.91 0.50 -11.54
C TRP A 118 20.60 1.16 -11.88
N ASP A 119 20.66 2.46 -12.18
CA ASP A 119 19.46 3.16 -12.64
C ASP A 119 19.32 2.95 -14.16
N LEU A 120 18.18 3.36 -14.74
CA LEU A 120 17.91 3.20 -16.17
C LEU A 120 18.08 1.75 -16.62
N THR A 121 17.70 0.81 -15.74
CA THR A 121 17.94 -0.60 -16.02
C THR A 121 16.67 -1.35 -15.73
N THR A 122 16.20 -2.09 -16.72
CA THR A 122 14.93 -2.82 -16.64
C THR A 122 15.16 -4.32 -16.61
N ALA A 123 14.48 -5.01 -15.69
CA ALA A 123 14.45 -6.45 -15.71
C ALA A 123 13.41 -6.88 -16.74
N MET A 124 13.86 -7.58 -17.78
CA MET A 124 13.01 -7.84 -18.94
C MET A 124 12.40 -9.23 -18.97
N LYS A 125 13.13 -10.21 -18.43
CA LYS A 125 12.74 -11.63 -18.52
C LYS A 125 13.29 -12.34 -17.30
N PRO A 126 12.42 -13.07 -16.58
CA PRO A 126 12.95 -13.88 -15.49
C PRO A 126 13.85 -15.03 -15.99
N ILE A 127 14.88 -15.34 -15.22
CA ILE A 127 15.60 -16.60 -15.41
C ILE A 127 14.91 -17.60 -14.51
N PHE A 128 14.18 -18.52 -15.12
CA PHE A 128 13.43 -19.50 -14.40
C PHE A 128 13.91 -20.87 -14.89
N GLU A 129 14.69 -21.55 -14.06
CA GLU A 129 15.29 -22.85 -14.43
C GLU A 129 15.17 -23.82 -13.29
N ASP A 130 15.03 -25.11 -13.61
CA ASP A 130 14.90 -26.15 -12.60
C ASP A 130 13.87 -25.76 -11.52
N GLY A 131 12.77 -25.15 -11.97
CA GLY A 131 11.65 -24.84 -11.10
C GLY A 131 11.83 -23.68 -10.14
N TYR A 132 12.89 -22.89 -10.35
CA TYR A 132 13.21 -21.82 -9.42
C TYR A 132 13.45 -20.56 -10.20
N VAL A 133 13.12 -19.43 -9.57
CA VAL A 133 13.60 -18.15 -10.04
C VAL A 133 15.09 -18.11 -9.71
N LYS A 134 15.91 -17.79 -10.71
CA LYS A 134 17.35 -17.80 -10.53
C LYS A 134 18.01 -16.50 -10.99
N GLY A 135 17.20 -15.48 -11.25
CA GLY A 135 17.73 -14.15 -11.66
C GLY A 135 16.91 -13.48 -12.76
N ALA A 136 17.54 -12.59 -13.53
CA ALA A 136 16.85 -11.85 -14.58
C ALA A 136 17.77 -11.48 -15.72
N VAL A 137 17.20 -11.38 -16.92
CA VAL A 137 17.89 -10.72 -18.02
C VAL A 137 17.57 -9.23 -17.85
N LEU A 138 18.61 -8.41 -17.86
CA LEU A 138 18.44 -6.97 -17.64
C LEU A 138 18.80 -6.24 -18.91
N PHE A 139 18.17 -5.08 -19.11
CA PHE A 139 18.64 -4.15 -20.12
C PHE A 139 19.05 -2.83 -19.47
N ASN A 140 20.35 -2.52 -19.56
CA ASN A 140 20.89 -1.29 -19.03
C ASN A 140 20.94 -0.27 -20.15
N ARG A 141 20.04 0.71 -20.08
CA ARG A 141 19.93 1.73 -21.13
C ARG A 141 21.16 2.62 -21.18
N ARG A 142 21.78 2.86 -20.02
CA ARG A 142 22.97 3.71 -19.89
C ARG A 142 24.21 3.16 -20.64
N THR A 143 24.35 1.84 -20.62
CA THR A 143 25.47 1.20 -21.32
C THR A 143 25.04 0.49 -22.61
N ASN A 144 23.74 0.49 -22.90
CA ASN A 144 23.14 -0.26 -24.02
C ASN A 144 23.46 -1.75 -24.02
N GLU A 145 23.55 -2.30 -22.81
CA GLU A 145 23.96 -3.67 -22.61
C GLU A 145 22.79 -4.51 -22.14
N GLU A 146 22.63 -5.67 -22.74
CA GLU A 146 21.73 -6.69 -22.23
C GLU A 146 22.60 -7.67 -21.42
N LEU A 147 22.20 -7.93 -20.18
CA LEU A 147 23.00 -8.72 -19.23
C LEU A 147 22.15 -9.79 -18.58
N THR A 148 22.79 -10.90 -18.22
CA THR A 148 22.15 -11.93 -17.40
C THR A 148 22.72 -11.82 -15.98
N VAL A 149 21.84 -11.66 -15.00
CA VAL A 149 22.27 -11.62 -13.60
C VAL A 149 21.63 -12.78 -12.88
N TYR A 150 22.47 -13.67 -12.36
CA TYR A 150 22.00 -14.79 -11.57
C TYR A 150 21.97 -14.36 -10.11
N SER A 151 20.94 -14.80 -9.38
CA SER A 151 20.76 -14.46 -7.98
C SER A 151 20.15 -15.65 -7.28
N LYS A 152 20.41 -15.79 -5.98
CA LYS A 152 19.78 -16.83 -5.20
C LYS A 152 18.34 -16.42 -4.88
N VAL A 153 18.15 -15.12 -4.67
CA VAL A 153 16.81 -14.58 -4.43
C VAL A 153 16.57 -13.31 -5.24
N VAL A 154 15.41 -13.26 -5.90
CA VAL A 154 14.94 -12.03 -6.55
C VAL A 154 13.94 -11.39 -5.61
N VAL A 155 14.15 -10.11 -5.30
CA VAL A 155 13.13 -9.33 -4.61
C VAL A 155 12.36 -8.51 -5.66
N GLU A 156 11.11 -8.90 -5.88
CA GLU A 156 10.27 -8.29 -6.90
C GLU A 156 9.54 -7.10 -6.25
N ALA A 157 9.98 -5.89 -6.57
CA ALA A 157 9.42 -4.68 -5.99
C ALA A 157 9.05 -3.68 -7.08
N THR A 158 8.34 -4.18 -8.09
CA THR A 158 8.11 -3.41 -9.32
C THR A 158 6.90 -2.49 -9.25
N GLY A 159 6.25 -2.44 -8.09
CA GLY A 159 5.10 -1.57 -7.90
C GLY A 159 3.85 -2.14 -8.58
N TYR A 160 2.90 -1.26 -8.89
CA TYR A 160 1.59 -1.72 -9.34
C TYR A 160 1.62 -2.50 -10.67
N SER A 161 2.64 -2.28 -11.49
CA SER A 161 2.80 -3.00 -12.77
C SER A 161 3.04 -4.52 -12.61
N ARG A 162 3.50 -4.96 -11.44
CA ARG A 162 3.97 -6.33 -11.23
C ARG A 162 4.62 -6.89 -12.51
N SER A 163 5.55 -6.10 -13.04
CA SER A 163 6.06 -6.34 -14.38
C SER A 163 6.94 -7.57 -14.53
N PHE A 164 7.61 -7.99 -13.46
CA PHE A 164 8.50 -9.15 -13.51
C PHE A 164 7.78 -10.44 -13.15
N ARG A 165 7.09 -10.48 -12.01
CA ARG A 165 6.42 -11.71 -11.59
C ARG A 165 5.31 -12.13 -12.57
N SER A 166 4.77 -11.18 -13.31
CA SER A 166 3.68 -11.48 -14.24
C SER A 166 4.18 -12.28 -15.45
N LYS A 167 5.51 -12.32 -15.63
CA LYS A 167 6.15 -13.08 -16.71
C LYS A 167 6.50 -14.53 -16.33
N LEU A 168 6.30 -14.88 -15.07
CA LEU A 168 6.61 -16.23 -14.59
C LEU A 168 5.49 -17.23 -14.94
N PRO A 169 5.78 -18.55 -14.91
CA PRO A 169 4.74 -19.53 -15.27
C PRO A 169 3.48 -19.32 -14.43
N PRO A 170 2.30 -19.28 -15.09
CA PRO A 170 1.05 -18.91 -14.43
C PRO A 170 0.66 -19.89 -13.33
N GLU A 171 1.32 -21.04 -13.33
CA GLU A 171 1.16 -22.10 -12.33
C GLU A 171 1.62 -21.66 -10.92
N LEU A 172 2.61 -20.78 -10.87
CA LEU A 172 3.24 -20.37 -9.61
C LEU A 172 2.32 -19.49 -8.77
N PRO A 173 2.23 -19.76 -7.45
CA PRO A 173 1.36 -18.96 -6.57
C PRO A 173 1.76 -17.50 -6.57
N ILE A 174 3.03 -17.26 -6.87
CA ILE A 174 3.61 -15.94 -6.89
C ILE A 174 3.16 -15.05 -8.06
N THR A 175 2.39 -15.63 -8.99
CA THR A 175 1.89 -14.88 -10.15
C THR A 175 0.42 -14.44 -9.93
N GLU A 176 -0.07 -14.60 -8.71
CA GLU A 176 -1.46 -14.23 -8.36
C GLU A 176 -1.80 -12.82 -8.86
N ASP A 177 -2.93 -12.70 -9.56
CA ASP A 177 -3.35 -11.44 -10.21
C ASP A 177 -4.28 -10.64 -9.30
N LEU A 178 -4.51 -9.39 -9.70
CA LEU A 178 -5.35 -8.45 -8.97
C LEU A 178 -6.74 -8.37 -9.64
N ASP A 179 -7.81 -8.64 -8.89
CA ASP A 179 -9.17 -8.42 -9.39
C ASP A 179 -9.41 -6.91 -9.53
N ASP A 180 -10.13 -6.52 -10.58
CA ASP A 180 -10.42 -5.10 -10.86
C ASP A 180 -11.07 -4.42 -9.67
N LYS A 181 -11.97 -5.12 -8.99
CA LYS A 181 -12.65 -4.53 -7.84
C LYS A 181 -11.81 -4.47 -6.55
N ASP A 182 -10.59 -5.00 -6.62
CA ASP A 182 -9.70 -5.07 -5.46
C ASP A 182 -8.63 -4.02 -5.64
N ALA A 183 -8.90 -3.04 -6.49
CA ALA A 183 -8.00 -1.91 -6.62
C ALA A 183 -8.79 -0.63 -6.87
N ASP A 184 -8.14 0.50 -6.57
CA ASP A 184 -8.64 1.81 -6.98
C ASP A 184 -7.75 2.39 -8.08
N VAL A 185 -8.30 3.29 -8.88
CA VAL A 185 -7.41 4.17 -9.64
C VAL A 185 -7.39 5.47 -8.91
N ALA A 186 -6.26 6.15 -8.95
CA ALA A 186 -6.13 7.35 -8.14
C ALA A 186 -5.34 8.36 -8.93
N TYR A 187 -5.64 9.64 -8.68
CA TYR A 187 -5.09 10.71 -9.48
C TYR A 187 -4.86 11.91 -8.58
N ARG A 188 -3.74 12.61 -8.77
CA ARG A 188 -3.51 13.77 -7.93
C ARG A 188 -2.76 14.85 -8.66
N GLU A 189 -2.90 16.06 -8.15
CA GLU A 189 -2.14 17.23 -8.61
C GLU A 189 -1.54 17.92 -7.40
N VAL A 190 -0.41 18.62 -7.61
CA VAL A 190 0.15 19.46 -6.56
C VAL A 190 0.13 20.85 -7.15
N LEU A 191 -0.50 21.76 -6.41
CA LEU A 191 -0.63 23.16 -6.85
C LEU A 191 -0.32 24.11 -5.73
N LEU A 192 0.12 25.32 -6.08
CA LEU A 192 0.22 26.40 -5.09
C LEU A 192 -1.17 26.97 -4.83
N THR A 193 -1.37 27.56 -3.66
CA THR A 193 -2.70 28.09 -3.33
C THR A 193 -2.69 29.63 -3.36
N LYS A 194 -3.86 30.22 -3.65
CA LYS A 194 -4.02 31.68 -3.69
C LYS A 194 -4.03 32.31 -2.28
N GLU A 195 -4.40 31.51 -1.28
CA GLU A 195 -4.47 31.96 0.11
C GLU A 195 -3.69 31.00 0.97
N ASP A 196 -3.24 31.46 2.14
CA ASP A 196 -2.65 30.51 3.10
C ASP A 196 -3.65 29.44 3.50
N ILE A 197 -3.16 28.20 3.64
CA ILE A 197 -4.02 27.07 3.95
C ILE A 197 -4.35 27.08 5.44
N GLU A 198 -5.63 26.97 5.75
CA GLU A 198 -6.07 26.95 7.13
C GLU A 198 -5.76 25.59 7.74
N ASP A 199 -5.22 25.59 8.96
CA ASP A 199 -4.77 24.35 9.63
C ASP A 199 -3.89 23.50 8.71
N HIS A 200 -2.82 24.11 8.22
CA HIS A 200 -1.98 23.47 7.21
C HIS A 200 -1.24 22.22 7.71
N ASP A 201 -1.31 21.94 9.02
CA ASP A 201 -0.76 20.72 9.59
C ASP A 201 -1.76 19.56 9.64
N TYR A 202 -2.96 19.76 9.09
CA TYR A 202 -3.96 18.68 9.04
C TYR A 202 -4.28 18.26 7.62
N LEU A 203 -4.25 16.94 7.38
CA LEU A 203 -4.71 16.40 6.10
C LEU A 203 -6.22 16.50 6.13
N ARG A 204 -6.84 16.58 4.96
CA ARG A 204 -8.28 16.60 4.85
C ARG A 204 -8.69 15.43 3.96
N ILE A 205 -9.62 14.64 4.48
CA ILE A 205 -10.18 13.56 3.70
C ILE A 205 -11.70 13.75 3.61
N PHE A 206 -12.23 13.72 2.38
CA PHE A 206 -13.66 13.89 2.13
C PHE A 206 -14.30 12.61 1.61
N ILE A 207 -15.23 12.08 2.38
CA ILE A 207 -15.98 10.91 1.97
C ILE A 207 -17.23 11.37 1.25
N ASP A 208 -17.48 10.79 0.08
CA ASP A 208 -18.65 11.09 -0.72
C ASP A 208 -18.73 10.03 -1.80
N GLN A 209 -19.71 9.13 -1.65
CA GLN A 209 -19.88 8.02 -2.58
C GLN A 209 -20.28 8.49 -3.99
N GLU A 210 -20.67 9.77 -4.12
CA GLU A 210 -21.01 10.36 -5.42
C GLU A 210 -19.83 10.98 -6.16
N THR A 211 -18.95 11.68 -5.44
CA THR A 211 -17.86 12.41 -6.10
C THR A 211 -16.55 11.60 -6.21
N SER A 212 -16.48 10.51 -5.45
CA SER A 212 -15.31 9.60 -5.46
C SER A 212 -15.80 8.20 -5.07
N PRO A 213 -16.62 7.56 -5.94
CA PRO A 213 -17.24 6.28 -5.55
C PRO A 213 -16.22 5.20 -5.22
N GLY A 214 -16.34 4.59 -4.04
CA GLY A 214 -15.42 3.52 -3.62
C GLY A 214 -14.06 3.97 -3.14
N GLY A 215 -13.84 5.28 -3.08
CA GLY A 215 -12.59 5.86 -2.59
C GLY A 215 -12.88 7.12 -1.79
N TYR A 216 -12.07 8.16 -1.99
CA TYR A 216 -12.33 9.45 -1.36
C TYR A 216 -11.53 10.53 -2.03
N TRP A 217 -11.88 11.77 -1.71
CA TRP A 217 -11.11 12.94 -2.12
C TRP A 217 -10.19 13.35 -1.00
N TRP A 218 -9.05 13.93 -1.35
CA TRP A 218 -8.15 14.41 -0.32
C TRP A 218 -7.53 15.74 -0.66
N TYR A 219 -7.09 16.41 0.40
CA TYR A 219 -6.44 17.71 0.32
C TYR A 219 -5.31 17.62 1.35
N PHE A 220 -4.09 17.36 0.89
CA PHE A 220 -2.93 17.13 1.77
C PHE A 220 -1.96 18.31 1.64
N PRO A 221 -1.96 19.24 2.62
CA PRO A 221 -1.04 20.38 2.53
C PRO A 221 0.43 19.99 2.60
N LYS A 222 1.23 20.57 1.72
CA LYS A 222 2.66 20.34 1.67
C LYS A 222 3.44 21.56 2.14
N GLY A 223 2.72 22.52 2.73
CA GLY A 223 3.29 23.79 3.18
C GLY A 223 2.15 24.73 3.47
N LYS A 224 2.48 26.00 3.73
CA LYS A 224 1.45 26.99 4.03
C LYS A 224 0.64 27.37 2.79
N ASN A 225 1.17 27.09 1.60
CA ASN A 225 0.61 27.60 0.35
C ASN A 225 0.68 26.59 -0.80
N LYS A 226 0.79 25.31 -0.47
CA LYS A 226 0.96 24.25 -1.45
C LYS A 226 0.22 23.01 -0.99
N VAL A 227 -0.47 22.37 -1.93
CA VAL A 227 -1.33 21.24 -1.56
C VAL A 227 -1.28 20.12 -2.60
N ASN A 228 -1.30 18.88 -2.12
CA ASN A 228 -1.44 17.70 -2.95
C ASN A 228 -2.93 17.34 -2.87
N VAL A 229 -3.66 17.48 -3.96
CA VAL A 229 -5.10 17.26 -3.96
C VAL A 229 -5.43 16.15 -4.94
N GLY A 230 -6.30 15.23 -4.54
CA GLY A 230 -6.58 14.11 -5.41
C GLY A 230 -7.79 13.32 -4.98
N LEU A 231 -8.02 12.23 -5.69
CA LEU A 231 -9.07 11.27 -5.34
C LEU A 231 -8.71 9.88 -5.80
N GLY A 232 -9.44 8.90 -5.24
CA GLY A 232 -9.37 7.55 -5.71
C GLY A 232 -10.78 7.07 -5.89
N ILE A 233 -10.98 6.21 -6.88
CA ILE A 233 -12.27 5.59 -7.11
C ILE A 233 -12.07 4.09 -7.31
N GLN A 234 -13.07 3.29 -6.96
CA GLN A 234 -12.92 1.84 -7.10
C GLN A 234 -12.87 1.40 -8.57
N GLY A 235 -11.96 0.47 -8.88
CA GLY A 235 -11.87 -0.08 -10.23
C GLY A 235 -12.90 -1.18 -10.44
N GLY A 236 -13.06 -1.58 -11.70
CA GLY A 236 -13.95 -2.70 -12.05
C GLY A 236 -15.43 -2.48 -11.87
N MET A 237 -15.84 -1.21 -11.73
CA MET A 237 -17.22 -0.87 -11.45
C MET A 237 -17.93 -0.19 -12.63
N GLY A 238 -17.20 0.00 -13.73
CA GLY A 238 -17.72 0.68 -14.91
C GLY A 238 -17.83 2.20 -14.78
N TYR A 239 -17.15 2.78 -13.78
CA TYR A 239 -17.19 4.25 -13.60
C TYR A 239 -16.47 4.96 -14.74
N PRO A 240 -16.89 6.19 -15.04
CA PRO A 240 -16.17 7.05 -15.99
C PRO A 240 -14.74 7.33 -15.55
N SER A 241 -13.93 7.85 -16.47
CA SER A 241 -12.56 8.21 -16.16
C SER A 241 -12.48 9.01 -14.86
N ILE A 242 -11.49 8.66 -14.05
CA ILE A 242 -11.22 9.41 -12.82
C ILE A 242 -11.01 10.91 -13.09
N HIS A 243 -10.42 11.25 -14.24
CA HIS A 243 -10.19 12.66 -14.55
C HIS A 243 -11.49 13.45 -14.79
N GLU A 244 -12.58 12.76 -15.14
CA GLU A 244 -13.92 13.39 -15.17
C GLU A 244 -14.39 13.87 -13.80
N TYR A 245 -14.25 12.99 -12.80
CA TYR A 245 -14.61 13.34 -11.43
C TYR A 245 -13.70 14.47 -10.95
N TYR A 246 -12.41 14.36 -11.25
CA TYR A 246 -11.46 15.37 -10.82
C TYR A 246 -11.89 16.73 -11.32
N LYS A 247 -12.07 16.84 -12.64
CA LYS A 247 -12.47 18.12 -13.25
C LYS A 247 -13.77 18.68 -12.67
N LYS A 248 -14.77 17.81 -12.51
CA LYS A 248 -16.09 18.19 -12.03
C LYS A 248 -16.09 18.71 -10.60
N TYR A 249 -15.33 18.07 -9.71
CA TYR A 249 -15.45 18.34 -8.27
C TYR A 249 -14.26 19.02 -7.59
N LEU A 250 -13.18 19.28 -8.33
CA LEU A 250 -12.03 19.96 -7.74
C LEU A 250 -12.44 21.19 -6.93
N ASP A 251 -13.29 22.03 -7.54
CA ASP A 251 -13.73 23.29 -6.91
C ASP A 251 -14.42 23.11 -5.57
N LYS A 252 -15.10 21.98 -5.40
CA LYS A 252 -15.78 21.68 -4.16
C LYS A 252 -14.79 21.45 -3.02
N TYR A 253 -13.67 20.81 -3.33
CA TYR A 253 -12.69 20.38 -2.35
C TYR A 253 -11.47 21.27 -2.22
N ALA A 254 -11.17 22.02 -3.27
CA ALA A 254 -10.00 22.88 -3.28
C ALA A 254 -10.34 24.18 -4.01
N PRO A 255 -11.27 24.98 -3.43
CA PRO A 255 -11.68 26.21 -4.11
C PRO A 255 -10.56 27.25 -4.14
N ASP A 256 -9.47 26.97 -3.44
CA ASP A 256 -8.40 27.92 -3.14
C ASP A 256 -7.12 27.71 -3.97
N VAL A 257 -7.12 26.69 -4.83
CA VAL A 257 -5.94 26.39 -5.64
C VAL A 257 -5.75 27.37 -6.81
N ASP A 258 -4.49 27.64 -7.14
CA ASP A 258 -4.15 28.48 -8.26
C ASP A 258 -3.80 27.59 -9.44
N LYS A 259 -4.75 27.48 -10.38
CA LYS A 259 -4.60 26.59 -11.54
C LYS A 259 -3.47 27.00 -12.48
N SER A 260 -3.01 28.24 -12.37
CA SER A 260 -1.86 28.69 -13.15
C SER A 260 -0.54 28.24 -12.54
N LYS A 261 -0.61 27.55 -11.39
CA LYS A 261 0.59 27.12 -10.68
C LYS A 261 0.51 25.64 -10.33
N LEU A 262 0.15 24.86 -11.33
CA LEU A 262 0.21 23.39 -11.22
C LEU A 262 1.68 22.97 -11.30
N LEU A 263 2.11 22.14 -10.35
CA LEU A 263 3.50 21.72 -10.26
C LEU A 263 3.73 20.30 -10.82
N VAL A 264 2.86 19.37 -10.45
CA VAL A 264 2.90 18.00 -10.99
C VAL A 264 1.47 17.46 -11.05
N LYS A 265 1.26 16.46 -11.88
CA LYS A 265 -0.07 15.83 -11.98
C LYS A 265 0.12 14.42 -12.48
N GLY A 266 -0.82 13.54 -12.17
CA GLY A 266 -0.68 12.19 -12.68
C GLY A 266 -1.45 11.21 -11.82
N GLY A 267 -1.60 10.00 -12.35
CA GLY A 267 -2.35 8.96 -11.65
C GLY A 267 -1.76 7.58 -11.81
N ALA A 268 -2.27 6.64 -11.01
CA ALA A 268 -1.81 5.26 -11.06
C ALA A 268 -2.79 4.39 -10.33
N LEU A 269 -2.63 3.09 -10.52
CA LEU A 269 -3.41 2.06 -9.82
C LEU A 269 -2.90 1.89 -8.37
N VAL A 270 -3.83 1.61 -7.46
CA VAL A 270 -3.54 1.37 -6.05
C VAL A 270 -4.26 0.10 -5.62
N PRO A 271 -3.52 -0.99 -5.32
CA PRO A 271 -4.20 -2.22 -4.82
C PRO A 271 -4.89 -1.95 -3.49
N THR A 272 -6.03 -2.59 -3.21
CA THR A 272 -6.74 -2.29 -1.95
C THR A 272 -7.30 -3.59 -1.40
N ARG A 273 -6.40 -4.52 -1.06
CA ARG A 273 -6.82 -5.84 -0.64
C ARG A 273 -5.79 -6.47 0.31
N ARG A 274 -6.13 -7.63 0.85
CA ARG A 274 -5.18 -8.49 1.55
C ARG A 274 -3.92 -8.71 0.70
N PRO A 275 -2.77 -9.01 1.32
CA PRO A 275 -1.58 -9.15 0.47
C PRO A 275 -1.62 -10.40 -0.42
N LEU A 276 -0.66 -10.54 -1.32
CA LEU A 276 -0.50 -11.82 -2.03
C LEU A 276 -0.63 -13.01 -1.06
N TYR A 277 -1.41 -14.04 -1.42
CA TYR A 277 -1.56 -15.18 -0.51
C TYR A 277 -0.23 -15.77 -0.04
N THR A 278 0.74 -15.88 -0.94
CA THR A 278 2.11 -15.99 -0.51
C THR A 278 2.97 -14.93 -1.16
N MET A 279 3.85 -14.31 -0.38
CA MET A 279 4.79 -13.29 -0.86
C MET A 279 6.17 -13.92 -1.10
N ALA A 280 6.23 -15.24 -0.94
CA ALA A 280 7.48 -15.98 -1.19
C ALA A 280 7.22 -17.24 -2.01
N TRP A 281 8.14 -17.53 -2.92
CA TRP A 281 8.20 -18.83 -3.57
C TRP A 281 9.65 -19.19 -3.86
N ASN A 282 9.87 -20.23 -4.68
CA ASN A 282 11.24 -20.74 -4.89
C ASN A 282 12.11 -19.69 -5.59
N GLY A 283 13.09 -19.15 -4.89
CA GLY A 283 13.98 -18.10 -5.45
C GLY A 283 13.46 -16.68 -5.53
N ILE A 284 12.32 -16.41 -4.89
CA ILE A 284 11.68 -15.10 -5.07
C ILE A 284 10.82 -14.67 -3.89
N ILE A 285 10.90 -13.38 -3.60
CA ILE A 285 10.00 -12.74 -2.65
C ILE A 285 9.42 -11.51 -3.35
N VAL A 286 8.16 -11.20 -3.04
CA VAL A 286 7.47 -10.06 -3.69
C VAL A 286 7.05 -9.07 -2.60
N ILE A 287 7.33 -7.78 -2.80
CA ILE A 287 7.03 -6.79 -1.78
C ILE A 287 6.36 -5.55 -2.39
N GLY A 288 5.91 -4.63 -1.53
CA GLY A 288 5.30 -3.36 -1.97
C GLY A 288 3.99 -3.56 -2.75
N ASP A 289 3.64 -2.57 -3.58
CA ASP A 289 2.40 -2.68 -4.40
C ASP A 289 2.35 -3.96 -5.25
N SER A 290 3.50 -4.44 -5.72
CA SER A 290 3.53 -5.69 -6.49
C SER A 290 2.98 -6.86 -5.67
N GLY A 291 3.18 -6.82 -4.36
CA GLY A 291 2.65 -7.88 -3.48
C GLY A 291 1.38 -7.44 -2.75
N PHE A 292 0.75 -6.37 -3.24
CA PHE A 292 -0.51 -5.82 -2.72
C PHE A 292 -0.40 -5.44 -1.23
N THR A 293 0.64 -4.69 -0.85
CA THR A 293 0.83 -4.41 0.59
C THR A 293 0.01 -3.18 1.10
N VAL A 294 -0.78 -2.56 0.25
CA VAL A 294 -1.44 -1.26 0.56
C VAL A 294 -2.58 -1.45 1.58
N ASN A 295 -2.71 -0.50 2.52
CA ASN A 295 -3.87 -0.51 3.46
C ASN A 295 -5.20 -0.47 2.68
N PRO A 296 -6.05 -1.49 2.82
CA PRO A 296 -7.23 -1.51 1.95
C PRO A 296 -8.31 -0.45 2.26
N VAL A 297 -8.32 0.07 3.47
CA VAL A 297 -9.32 1.11 3.87
C VAL A 297 -8.91 2.54 3.48
N HIS A 298 -7.67 2.92 3.77
CA HIS A 298 -7.23 4.28 3.42
C HIS A 298 -6.30 4.40 2.21
N GLY A 299 -5.76 3.29 1.72
CA GLY A 299 -4.99 3.30 0.46
C GLY A 299 -3.54 3.71 0.66
N GLY A 300 -3.14 3.86 1.92
CA GLY A 300 -1.77 4.21 2.27
C GLY A 300 -0.88 2.99 2.05
N GLY A 301 0.18 3.15 1.27
CA GLY A 301 1.03 2.00 0.97
C GLY A 301 2.51 2.19 1.19
N LYS A 302 2.95 3.43 1.43
CA LYS A 302 4.40 3.62 1.60
C LYS A 302 4.95 3.03 2.91
N GLY A 303 4.20 3.17 4.00
CA GLY A 303 4.59 2.55 5.28
C GLY A 303 4.61 1.02 5.18
N SER A 304 3.55 0.45 4.65
CA SER A 304 3.52 -1.01 4.51
C SER A 304 4.57 -1.49 3.49
N ALA A 305 4.86 -0.71 2.46
CA ALA A 305 5.95 -1.04 1.53
C ALA A 305 7.28 -1.18 2.29
N MET A 306 7.58 -0.23 3.17
CA MET A 306 8.77 -0.30 4.02
C MET A 306 8.79 -1.55 4.90
N ILE A 307 7.64 -1.84 5.50
CA ILE A 307 7.50 -3.02 6.36
C ILE A 307 7.81 -4.28 5.54
N SER A 308 7.23 -4.37 4.33
CA SER A 308 7.45 -5.55 3.49
C SER A 308 8.93 -5.70 3.14
N GLY A 309 9.64 -4.59 2.93
CA GLY A 309 11.06 -4.64 2.64
C GLY A 309 11.89 -5.17 3.81
N TYR A 310 11.51 -4.76 5.02
CA TYR A 310 12.12 -5.26 6.25
C TYR A 310 11.93 -6.78 6.38
N CYS A 311 10.69 -7.24 6.21
CA CYS A 311 10.42 -8.65 6.29
C CYS A 311 11.18 -9.45 5.22
N ALA A 312 11.30 -8.88 4.03
CA ALA A 312 12.08 -9.52 2.97
C ALA A 312 13.55 -9.66 3.38
N ALA A 313 14.12 -8.61 3.96
CA ALA A 313 15.51 -8.68 4.46
C ALA A 313 15.69 -9.78 5.51
N LYS A 314 14.77 -9.86 6.45
CA LYS A 314 14.87 -10.86 7.53
C LYS A 314 14.79 -12.27 6.94
N ALA A 315 13.87 -12.45 6.00
CA ALA A 315 13.65 -13.77 5.39
C ALA A 315 14.87 -14.22 4.60
N ILE A 316 15.47 -13.29 3.87
CA ILE A 316 16.59 -13.62 3.02
C ILE A 316 17.82 -13.98 3.88
N LEU A 317 18.05 -13.23 4.95
CA LEU A 317 19.18 -13.56 5.83
C LEU A 317 19.01 -14.97 6.38
N SER A 318 17.78 -15.29 6.78
CA SER A 318 17.47 -16.63 7.25
C SER A 318 17.77 -17.70 6.18
N ALA A 319 17.36 -17.46 4.95
CA ALA A 319 17.62 -18.39 3.87
C ALA A 319 19.13 -18.62 3.64
N PHE A 320 19.92 -17.56 3.69
CA PHE A 320 21.36 -17.76 3.54
C PHE A 320 21.98 -18.54 4.71
N GLU A 321 21.42 -18.37 5.90
CA GLU A 321 21.90 -19.10 7.07
C GLU A 321 21.51 -20.57 7.05
N THR A 322 20.56 -20.93 6.20
CA THR A 322 20.14 -22.34 6.04
C THR A 322 20.43 -22.90 4.63
N GLY A 323 21.06 -22.09 3.78
CA GLY A 323 21.35 -22.49 2.37
C GLY A 323 20.11 -22.92 1.59
N ASP A 324 18.95 -22.34 1.91
CA ASP A 324 17.67 -22.85 1.42
C ASP A 324 16.86 -21.71 0.86
N PHE A 325 16.80 -21.68 -0.48
CA PHE A 325 16.11 -20.59 -1.20
C PHE A 325 14.81 -21.04 -1.81
N SER A 326 14.33 -22.20 -1.37
CA SER A 326 12.98 -22.64 -1.70
C SER A 326 11.96 -21.73 -1.01
N ALA A 327 10.70 -21.83 -1.46
CA ALA A 327 9.58 -21.19 -0.73
C ALA A 327 9.68 -21.48 0.78
N SER A 328 9.97 -22.74 1.14
CA SER A 328 10.10 -23.12 2.58
C SER A 328 11.23 -22.36 3.24
N GLY A 329 12.34 -22.21 2.52
CA GLY A 329 13.50 -21.50 3.02
C GLY A 329 13.23 -20.02 3.23
N LEU A 330 12.36 -19.46 2.39
CA LEU A 330 12.04 -18.02 2.42
C LEU A 330 10.72 -17.72 3.16
N TRP A 331 10.12 -18.75 3.75
CA TRP A 331 8.72 -18.70 4.21
C TRP A 331 8.52 -17.69 5.34
N ASP A 332 9.59 -17.43 6.11
CA ASP A 332 9.59 -16.41 7.17
C ASP A 332 9.12 -15.08 6.64
N MET A 333 9.30 -14.82 5.35
CA MET A 333 8.73 -13.60 4.75
C MET A 333 7.23 -13.48 5.08
N ASN A 334 6.50 -14.57 4.84
CA ASN A 334 5.07 -14.55 5.08
C ASN A 334 4.75 -14.41 6.55
N ILE A 335 5.45 -15.16 7.40
CA ILE A 335 5.16 -15.11 8.85
C ILE A 335 5.42 -13.71 9.40
N CYS A 336 6.57 -13.15 9.03
CA CYS A 336 6.93 -11.79 9.42
C CYS A 336 5.90 -10.79 8.94
N TYR A 337 5.58 -10.85 7.65
CA TYR A 337 4.70 -9.80 7.09
C TYR A 337 3.28 -9.91 7.62
N VAL A 338 2.76 -11.13 7.73
CA VAL A 338 1.38 -11.29 8.21
C VAL A 338 1.24 -10.77 9.67
N ASN A 339 2.22 -11.11 10.50
CA ASN A 339 2.24 -10.57 11.85
C ASN A 339 2.41 -9.06 11.95
N GLU A 340 3.24 -8.47 11.08
CA GLU A 340 3.48 -7.03 11.13
C GLU A 340 2.38 -6.15 10.51
N TYR A 341 1.71 -6.65 9.47
CA TYR A 341 0.75 -5.83 8.72
C TYR A 341 -0.31 -6.61 7.97
N GLY A 342 0.05 -7.80 7.49
CA GLY A 342 -0.81 -8.58 6.61
C GLY A 342 -2.14 -9.03 7.23
N ALA A 343 -2.13 -9.52 8.46
CA ALA A 343 -3.37 -9.88 9.14
C ALA A 343 -4.31 -8.68 9.29
N LYS A 344 -3.75 -7.52 9.66
CA LYS A 344 -4.48 -6.25 9.65
C LYS A 344 -5.11 -5.96 8.27
N GLN A 345 -4.30 -6.07 7.21
CA GLN A 345 -4.80 -5.84 5.85
C GLN A 345 -5.98 -6.72 5.54
N ALA A 346 -5.93 -8.00 5.94
CA ALA A 346 -7.06 -8.91 5.65
C ALA A 346 -8.38 -8.43 6.29
N SER A 347 -8.29 -8.08 7.57
CA SER A 347 -9.44 -7.53 8.30
C SER A 347 -9.96 -6.25 7.61
N LEU A 348 -9.02 -5.39 7.17
CA LEU A 348 -9.39 -4.16 6.52
C LEU A 348 -9.96 -4.34 5.11
N ASP A 349 -9.59 -5.45 4.46
CA ASP A 349 -10.14 -5.84 3.14
C ASP A 349 -11.65 -6.11 3.32
N ILE A 350 -11.98 -6.84 4.38
CA ILE A 350 -13.39 -7.00 4.77
C ILE A 350 -14.08 -5.65 5.09
N PHE A 351 -13.46 -4.86 5.96
CA PHE A 351 -14.02 -3.56 6.34
C PHE A 351 -14.29 -2.66 5.13
N ARG A 352 -13.31 -2.60 4.20
CA ARG A 352 -13.42 -1.77 2.98
C ARG A 352 -14.64 -2.15 2.14
N ARG A 353 -14.89 -3.45 2.00
CA ARG A 353 -16.01 -3.92 1.19
C ARG A 353 -17.33 -3.41 1.75
N PHE A 354 -17.46 -3.43 3.07
CA PHE A 354 -18.61 -2.84 3.78
C PHE A 354 -18.71 -1.33 3.54
N LEU A 355 -17.61 -0.62 3.76
CA LEU A 355 -17.63 0.85 3.63
C LEU A 355 -17.98 1.32 2.22
N GLN A 356 -17.48 0.60 1.22
CA GLN A 356 -17.69 0.96 -0.18
C GLN A 356 -19.14 0.81 -0.61
N LYS A 357 -19.90 -0.01 0.12
CA LYS A 357 -21.30 -0.21 -0.21
C LYS A 357 -22.29 0.67 0.57
N LEU A 358 -21.80 1.47 1.52
CA LEU A 358 -22.66 2.39 2.26
C LEU A 358 -23.09 3.55 1.38
N SER A 359 -24.27 4.10 1.64
CA SER A 359 -24.76 5.25 0.88
C SER A 359 -24.26 6.51 1.56
N ASN A 360 -24.33 7.64 0.86
CA ASN A 360 -24.02 8.92 1.50
C ASN A 360 -24.90 9.19 2.75
N ASP A 361 -26.18 8.85 2.64
CA ASP A 361 -27.12 8.99 3.78
C ASP A 361 -26.62 8.20 5.00
N ASP A 362 -26.19 6.95 4.76
CA ASP A 362 -25.62 6.10 5.81
C ASP A 362 -24.42 6.75 6.48
N ILE A 363 -23.52 7.31 5.66
CA ILE A 363 -22.28 7.88 6.22
C ILE A 363 -22.57 9.19 6.96
N ASN A 364 -23.43 10.01 6.39
CA ASN A 364 -23.89 11.22 7.08
C ASN A 364 -24.48 10.89 8.44
N TYR A 365 -25.33 9.86 8.48
CA TYR A 365 -25.97 9.42 9.71
C TYR A 365 -24.93 8.92 10.71
N GLY A 366 -24.09 7.97 10.30
CA GLY A 366 -23.07 7.37 11.16
C GLY A 366 -22.16 8.39 11.80
N MET A 367 -21.73 9.38 11.00
CA MET A 367 -20.83 10.41 11.47
C MET A 367 -21.54 11.44 12.39
N LYS A 368 -22.71 11.90 11.97
CA LYS A 368 -23.56 12.77 12.81
C LYS A 368 -23.82 12.14 14.18
N LYS A 369 -24.21 10.88 14.18
CA LYS A 369 -24.61 10.18 15.40
C LYS A 369 -23.43 9.65 16.21
N LYS A 370 -22.20 9.86 15.72
CA LYS A 370 -20.99 9.31 16.36
C LYS A 370 -21.16 7.82 16.67
N ILE A 371 -21.61 7.03 15.69
CA ILE A 371 -21.86 5.61 15.91
C ILE A 371 -20.60 4.87 16.38
N ILE A 372 -19.45 5.26 15.82
CA ILE A 372 -18.15 4.97 16.44
C ILE A 372 -17.43 6.30 16.70
N LYS A 373 -16.43 6.29 17.57
CA LYS A 373 -15.69 7.49 17.92
C LYS A 373 -14.51 7.65 16.97
N GLU A 374 -13.94 8.86 16.92
CA GLU A 374 -12.70 9.12 16.19
C GLU A 374 -11.65 8.05 16.46
N GLU A 375 -11.41 7.80 17.75
CA GLU A 375 -10.40 6.85 18.24
C GLU A 375 -10.65 5.43 17.76
N ASP A 376 -11.92 5.04 17.67
CA ASP A 376 -12.27 3.71 17.19
C ASP A 376 -11.94 3.56 15.70
N LEU A 377 -12.16 4.62 14.93
CA LEU A 377 -11.89 4.55 13.50
C LEU A 377 -10.39 4.48 13.27
N LEU A 378 -9.64 5.18 14.13
CA LEU A 378 -8.18 5.13 14.09
C LEU A 378 -7.66 3.75 14.47
N GLU A 379 -8.28 3.11 15.46
CA GLU A 379 -7.92 1.76 15.86
C GLU A 379 -8.18 0.74 14.74
N ALA A 380 -9.29 0.90 14.03
CA ALA A 380 -9.54 0.10 12.83
C ALA A 380 -8.43 0.30 11.79
N SER A 381 -8.07 1.55 11.52
CA SER A 381 -7.01 1.86 10.55
C SER A 381 -5.65 1.30 10.95
N GLU A 382 -5.27 1.56 12.20
CA GLU A 382 -3.92 1.29 12.69
C GLU A 382 -3.67 -0.15 13.17
N LYS A 383 -4.73 -0.83 13.60
CA LYS A 383 -4.59 -2.18 14.17
C LYS A 383 -5.42 -3.24 13.42
N GLY A 384 -6.34 -2.81 12.57
CA GLY A 384 -7.23 -3.74 11.87
C GLY A 384 -8.34 -4.23 12.79
N ASP A 385 -8.53 -3.53 13.91
CA ASP A 385 -9.44 -3.97 14.96
C ASP A 385 -10.67 -3.08 15.08
N LEU A 386 -11.82 -3.67 14.78
CA LEU A 386 -13.09 -3.05 15.13
C LEU A 386 -13.62 -3.92 16.25
N HIS A 387 -13.38 -3.50 17.51
CA HIS A 387 -13.74 -4.34 18.66
C HIS A 387 -15.21 -4.66 18.68
N LEU A 388 -15.56 -5.85 19.14
CA LEU A 388 -16.97 -6.27 19.17
C LEU A 388 -17.81 -5.37 20.09
N SER A 389 -17.21 -4.90 21.18
CA SER A 389 -17.89 -4.00 22.12
C SER A 389 -18.21 -2.66 21.46
N VAL A 390 -17.29 -2.20 20.62
CA VAL A 390 -17.47 -0.98 19.83
C VAL A 390 -18.59 -1.15 18.80
N ALA A 391 -18.58 -2.29 18.11
CA ALA A 391 -19.66 -2.63 17.18
C ALA A 391 -21.01 -2.71 17.90
N ASP A 392 -21.03 -3.25 19.12
CA ASP A 392 -22.28 -3.37 19.91
C ASP A 392 -22.85 -1.99 20.26
N LYS A 393 -21.96 -1.08 20.69
CA LYS A 393 -22.35 0.28 21.02
C LYS A 393 -22.93 0.99 19.79
N ALA A 394 -22.29 0.78 18.64
CA ALA A 394 -22.72 1.39 17.38
C ALA A 394 -24.10 0.87 16.98
N MET A 395 -24.29 -0.44 17.15
CA MET A 395 -25.54 -1.08 16.79
C MET A 395 -26.70 -0.56 17.65
N ARG A 396 -26.42 -0.17 18.89
CA ARG A 396 -27.45 0.43 19.72
C ARG A 396 -27.97 1.74 19.11
N VAL A 397 -27.07 2.53 18.54
CA VAL A 397 -27.44 3.78 17.86
C VAL A 397 -28.14 3.47 16.52
N ILE A 398 -27.58 2.52 15.76
CA ILE A 398 -28.11 2.10 14.45
C ILE A 398 -29.51 1.50 14.61
N SER A 399 -29.78 0.92 15.78
CA SER A 399 -31.13 0.40 16.08
C SER A 399 -32.27 1.44 16.05
N GLY A 400 -31.91 2.71 16.29
CA GLY A 400 -32.87 3.85 16.26
C GLY A 400 -33.20 4.37 14.85
N LEU A 401 -32.62 3.75 13.83
CA LEU A 401 -32.85 4.13 12.43
C LEU A 401 -34.01 3.25 11.93
N GLY A 402 -34.98 3.84 11.23
CA GLY A 402 -36.19 3.11 10.81
C GLY A 402 -36.32 2.83 9.32
N ARG A 403 -35.25 3.07 8.57
CA ARG A 403 -35.25 2.76 7.14
C ARG A 403 -34.22 1.64 6.92
N PRO A 404 -34.38 0.87 5.84
CA PRO A 404 -33.35 -0.13 5.48
C PRO A 404 -31.98 0.52 5.33
N SER A 405 -30.96 -0.15 5.82
CA SER A 405 -29.61 0.37 5.70
C SER A 405 -28.59 -0.73 5.88
N LEU A 406 -27.55 -0.67 5.06
CA LEU A 406 -26.42 -1.56 5.26
C LEU A 406 -25.77 -1.43 6.64
N LEU A 407 -25.93 -0.27 7.29
CA LEU A 407 -25.38 -0.05 8.63
C LEU A 407 -25.78 -1.13 9.62
N PHE A 408 -26.96 -1.70 9.43
CA PHE A 408 -27.43 -2.76 10.33
C PHE A 408 -26.54 -4.01 10.33
N LYS A 409 -25.61 -4.11 9.37
CA LYS A 409 -24.72 -5.27 9.29
C LYS A 409 -23.39 -5.06 10.03
N LEU A 410 -23.24 -3.90 10.68
CA LEU A 410 -21.97 -3.55 11.28
C LEU A 410 -21.43 -4.60 12.25
N LYS A 411 -22.29 -5.15 13.10
CA LYS A 411 -21.83 -6.21 14.02
C LYS A 411 -21.34 -7.43 13.23
N ALA A 412 -22.11 -7.84 12.22
CA ALA A 412 -21.71 -8.98 11.37
C ALA A 412 -20.36 -8.72 10.69
N VAL A 413 -20.15 -7.48 10.26
CA VAL A 413 -18.89 -7.08 9.65
C VAL A 413 -17.74 -7.21 10.66
N ALA A 414 -17.95 -6.72 11.89
CA ALA A 414 -16.94 -6.80 12.95
C ALA A 414 -16.58 -8.25 13.24
N GLU A 415 -17.58 -9.12 13.24
CA GLU A 415 -17.32 -10.56 13.43
C GLU A 415 -16.47 -11.17 12.32
N SER A 416 -16.77 -10.85 11.07
CA SER A 416 -15.98 -11.35 9.94
C SER A 416 -14.57 -10.78 9.96
N MET A 417 -14.44 -9.52 10.37
CA MET A 417 -13.10 -8.93 10.46
C MET A 417 -12.27 -9.71 11.49
N LYS A 418 -12.89 -10.00 12.63
CA LYS A 418 -12.21 -10.78 13.68
C LYS A 418 -11.80 -12.18 13.19
N LYS A 419 -12.74 -12.84 12.50
CA LYS A 419 -12.50 -14.19 11.96
C LYS A 419 -11.32 -14.21 10.99
N ILE A 420 -11.35 -13.32 10.00
CA ILE A 420 -10.28 -13.34 8.99
C ILE A 420 -8.95 -12.99 9.63
N LYS A 421 -8.97 -12.10 10.63
CA LYS A 421 -7.71 -11.72 11.29
C LYS A 421 -7.10 -12.93 11.99
N GLU A 422 -7.93 -13.66 12.73
CA GLU A 422 -7.47 -14.87 13.40
C GLU A 422 -6.95 -15.90 12.40
N LEU A 423 -7.61 -16.00 11.25
CA LEU A 423 -7.19 -16.93 10.18
C LEU A 423 -5.80 -16.60 9.64
N TYR A 424 -5.56 -15.31 9.43
CA TYR A 424 -4.25 -14.85 8.99
C TYR A 424 -3.18 -15.04 10.03
N LEU A 425 -3.51 -14.83 11.30
CA LEU A 425 -2.51 -15.04 12.35
C LEU A 425 -2.19 -16.51 12.55
N ASN A 426 -3.05 -17.38 12.02
CA ASN A 426 -2.76 -18.81 11.93
C ASN A 426 -2.23 -19.18 10.54
N TYR A 427 -1.42 -18.28 9.95
CA TYR A 427 -0.88 -18.49 8.60
C TYR A 427 -0.15 -19.84 8.57
N PRO A 428 -0.26 -20.59 7.45
CA PRO A 428 0.36 -21.92 7.39
C PRO A 428 1.87 -21.89 7.64
N ARG A 429 2.34 -22.82 8.45
CA ARG A 429 3.75 -22.85 8.86
C ARG A 429 4.70 -23.32 7.74
N SER A 430 4.15 -23.94 6.72
CA SER A 430 4.94 -24.41 5.58
C SER A 430 4.09 -24.32 4.30
N PRO A 431 4.74 -24.32 3.12
CA PRO A 431 4.00 -24.20 1.85
C PRO A 431 2.99 -25.33 1.58
N SER A 432 3.20 -26.52 2.13
CA SER A 432 2.29 -27.64 1.84
C SER A 432 0.89 -27.41 2.39
N SER A 433 0.74 -26.41 3.26
CA SER A 433 -0.55 -26.03 3.83
C SER A 433 -1.15 -24.75 3.24
N LEU A 434 -0.44 -24.12 2.31
CA LEU A 434 -0.94 -22.92 1.64
C LEU A 434 -2.32 -23.11 1.00
N GLY A 435 -2.46 -24.15 0.18
CA GLY A 435 -3.71 -24.42 -0.56
C GLY A 435 -4.93 -24.52 0.34
N SER A 436 -4.81 -25.34 1.37
CA SER A 436 -5.89 -25.51 2.34
C SER A 436 -6.29 -24.19 2.99
N TRP A 437 -5.28 -23.43 3.43
CA TRP A 437 -5.53 -22.15 4.06
C TRP A 437 -6.16 -21.12 3.10
N ARG A 438 -5.66 -21.06 1.87
CA ARG A 438 -6.16 -20.10 0.87
C ARG A 438 -7.63 -20.37 0.57
N ARG A 439 -8.00 -21.65 0.55
CA ARG A 439 -9.40 -22.04 0.34
C ARG A 439 -10.29 -21.56 1.50
N GLU A 440 -9.77 -21.63 2.72
CA GLU A 440 -10.49 -21.18 3.92
C GLU A 440 -10.71 -19.67 3.89
N VAL A 441 -9.69 -18.96 3.43
CA VAL A 441 -9.77 -17.50 3.27
C VAL A 441 -10.79 -17.11 2.21
N ASP A 442 -10.73 -17.77 1.06
CA ASP A 442 -11.65 -17.52 -0.04
C ASP A 442 -13.10 -17.79 0.39
N ASN A 443 -13.27 -18.84 1.22
CA ASN A 443 -14.58 -19.17 1.76
C ASN A 443 -15.13 -18.08 2.69
N VAL A 444 -14.27 -17.58 3.58
CA VAL A 444 -14.62 -16.46 4.46
C VAL A 444 -15.05 -15.25 3.63
N LEU A 445 -14.27 -14.93 2.59
CA LEU A 445 -14.57 -13.80 1.72
C LEU A 445 -15.86 -13.96 0.93
N THR A 446 -16.04 -15.10 0.27
CA THR A 446 -17.26 -15.30 -0.54
C THR A 446 -18.52 -15.26 0.34
N GLU A 447 -18.46 -15.90 1.51
CA GLU A 447 -19.54 -15.85 2.50
C GLU A 447 -19.84 -14.42 2.92
N PHE A 448 -18.78 -13.66 3.18
CA PHE A 448 -18.93 -12.30 3.58
C PHE A 448 -19.59 -11.49 2.47
N ASN A 449 -19.07 -11.60 1.24
CA ASN A 449 -19.58 -10.87 0.08
C ASN A 449 -21.09 -11.04 -0.07
N LYS A 450 -21.56 -12.27 0.09
CA LYS A 450 -23.00 -12.54 -0.05
C LYS A 450 -23.83 -12.07 1.17
N SER A 451 -23.18 -11.92 2.32
CA SER A 451 -23.86 -11.44 3.54
C SER A 451 -24.23 -9.96 3.46
N LEU A 452 -23.64 -9.24 2.51
CA LEU A 452 -23.89 -7.82 2.30
C LEU A 452 -25.07 -7.52 1.35
N SER A 453 -25.76 -8.56 0.90
CA SER A 453 -27.02 -8.39 0.20
C SER A 453 -28.08 -9.32 0.80
#